data_4APJ
#
_entry.id   4APJ
#
_cell.length_a   56.870
_cell.length_b   85.280
_cell.length_c   133.220
_cell.angle_alpha   90.00
_cell.angle_beta   90.00
_cell.angle_gamma   90.00
#
_symmetry.space_group_name_H-M   'P 21 21 21'
#
loop_
_entity.id
_entity.type
_entity.pdbx_description
1 polymer 'ANGIOTENSIN-CONVERTING ENZYME'
2 polymer 'BRADYKININ-POTENTIATING PEPTIDE B'
3 branched beta-D-mannopyranose-(1-4)-2-acetamido-2-deoxy-beta-D-glucopyranose-(1-4)-2-acetamido-2-deoxy-beta-D-glucopyranose
4 non-polymer 'CHLORIDE ION'
5 non-polymer 'SULFATE ION'
6 non-polymer 2-{2-[2-(2-{2-[2-(2-ETHOXY-ETHOXY)-ETHOXY]-ETHOXY}-ETHOXY)-ETHOXY]-ETHOXY}-ETHANOL
7 non-polymer 'ACETATE ION'
8 water water
#
loop_
_entity_poly.entity_id
_entity_poly.type
_entity_poly.pdbx_seq_one_letter_code
_entity_poly.pdbx_strand_id
1 'polypeptide(L)'
;LVTDEAEASKFVEEYDRTSQVVWNEYAEANWNYNTNITTETSKILLQKNMQIANHTLKYGTQARKFDVNQLQNTTIKRII
KKVQDLERAALPAQELEEYNKILLDMETTYSVATVCHPNGSCLQLEPDLTNVMATSRKYEDLLWAWEGWRDKAGRAILQF
YPKYVELINQAARLNGYVDAGDSWRSMYETPSLEQDLERLFQELQPLYLNLHAYVRRALHRHYGAQHINLEGPIPAHLLG
NMWAQTWSNIYDLVVPFPSAPSMDTTEAMLKQGWTPRRMFKEADDFFTSLGLLPVPPEFWNKSMLEKPTDGREVVCHASA
WDFYNGKDFRIKQCTTVNLEDLVVAHHEMGHIQYFMQYKDLPVALREGANPGFHEAIGDVLALSVSTPKHLHSLNLLSSE
GGSDEHDINFLMKMALDKIAFIPFSYLVDQWRWRVFDGSITKENYNQEWWSLRLKYQGLCPPVPRTQGDFDPGAKFHIPS
SVPYIRYFVSFIIQFQFHEALCQAAGHTGPLHKCDIYQSKEAGQRLATAMKLGFSRPWPEAMQLITGQPNMSASAMLSYF
KPLLDWLRTENELHGEKLGWPQYNWTPNS
;
A
2 'polypeptide(L)' (PCA)GLPPRPKIPP P
#
# COMPACT_ATOMS: atom_id res chain seq x y z
N ASP A 4 -21.23 4.44 35.32
CA ASP A 4 -19.87 4.78 35.83
C ASP A 4 -18.76 3.96 35.14
N GLU A 5 -17.55 4.06 35.69
CA GLU A 5 -16.38 3.38 35.17
C GLU A 5 -16.52 1.85 35.18
N ALA A 6 -17.23 1.32 36.17
CA ALA A 6 -17.42 -0.12 36.31
C ALA A 6 -18.25 -0.72 35.19
N GLU A 7 -19.31 -0.02 34.78
CA GLU A 7 -20.18 -0.50 33.70
C GLU A 7 -19.50 -0.40 32.35
N ALA A 8 -18.60 0.57 32.21
CA ALA A 8 -17.83 0.77 30.98
C ALA A 8 -16.86 -0.37 30.69
N SER A 9 -16.10 -0.78 31.71
CA SER A 9 -15.15 -1.89 31.57
C SER A 9 -15.84 -3.26 31.49
N LYS A 10 -17.02 -3.38 32.10
CA LYS A 10 -17.86 -4.55 31.95
C LYS A 10 -18.29 -4.68 30.48
N PHE A 11 -18.65 -3.54 29.88
CA PHE A 11 -19.02 -3.48 28.47
C PHE A 11 -17.85 -3.84 27.54
N VAL A 12 -16.68 -3.29 27.84
CA VAL A 12 -15.49 -3.53 27.01
C VAL A 12 -15.09 -5.01 27.05
N GLU A 13 -15.18 -5.61 28.24
CA GLU A 13 -14.87 -7.03 28.42
C GLU A 13 -15.81 -7.91 27.61
N GLU A 14 -17.11 -7.65 27.72
CA GLU A 14 -18.14 -8.40 27.01
C GLU A 14 -18.00 -8.25 25.49
N TYR A 15 -17.76 -7.02 25.05
CA TYR A 15 -17.54 -6.72 23.64
C TYR A 15 -16.32 -7.48 23.09
N ASP A 16 -15.22 -7.42 23.84
CA ASP A 16 -13.94 -7.99 23.43
C ASP A 16 -13.97 -9.50 23.22
N ARG A 17 -14.66 -10.23 24.10
CA ARG A 17 -14.75 -11.69 23.99
C ARG A 17 -15.75 -12.16 22.94
N THR A 18 -16.84 -11.42 22.77
CA THR A 18 -17.82 -11.72 21.72
C THR A 18 -17.29 -11.35 20.34
N SER A 19 -16.54 -10.25 20.27
CA SER A 19 -15.92 -9.81 19.02
C SER A 19 -14.86 -10.81 18.56
N GLN A 20 -14.04 -11.29 19.49
CA GLN A 20 -13.02 -12.30 19.19
C GLN A 20 -13.64 -13.51 18.47
N VAL A 21 -14.72 -14.05 19.04
CA VAL A 21 -15.40 -15.22 18.48
C VAL A 21 -15.94 -14.95 17.08
N VAL A 22 -16.71 -13.87 16.94
CA VAL A 22 -17.36 -13.57 15.67
C VAL A 22 -16.38 -13.10 14.58
N TRP A 23 -15.31 -12.41 14.99
CA TRP A 23 -14.28 -11.93 14.07
C TRP A 23 -13.44 -13.08 13.52
N ASN A 24 -13.14 -14.04 14.40
CA ASN A 24 -12.47 -15.28 14.00
C ASN A 24 -13.32 -16.07 13.02
N GLU A 25 -14.63 -16.06 13.25
CA GLU A 25 -15.57 -16.74 12.36
C GLU A 25 -15.69 -16.06 11.00
N TYR A 26 -15.60 -14.72 10.98
CA TYR A 26 -15.65 -13.97 9.73
C TYR A 26 -14.38 -14.18 8.91
N ALA A 27 -13.22 -14.10 9.57
CA ALA A 27 -11.94 -14.23 8.89
C ALA A 27 -11.74 -15.59 8.21
N GLU A 28 -12.03 -16.67 8.94
CA GLU A 28 -11.90 -18.04 8.39
C GLU A 28 -12.88 -18.25 7.23
N ALA A 29 -14.06 -17.64 7.33
CA ALA A 29 -15.01 -17.64 6.24
C ALA A 29 -14.47 -16.83 5.05
N ASN A 30 -13.82 -15.72 5.35
CA ASN A 30 -13.19 -14.88 4.34
C ASN A 30 -11.99 -15.57 3.69
N TRP A 31 -11.29 -16.38 4.49
CA TRP A 31 -10.15 -17.16 4.01
C TRP A 31 -10.59 -18.31 3.10
N ASN A 32 -11.50 -19.15 3.62
CA ASN A 32 -12.00 -20.32 2.89
C ASN A 32 -12.61 -19.98 1.54
N TYR A 33 -13.22 -18.81 1.43
CA TYR A 33 -13.73 -18.31 0.15
C TYR A 33 -12.59 -17.91 -0.77
N ASN A 34 -11.72 -17.01 -0.28
CA ASN A 34 -10.61 -16.48 -1.06
C ASN A 34 -9.58 -17.53 -1.50
N THR A 35 -9.52 -18.64 -0.77
CA THR A 35 -8.56 -19.72 -1.04
C THR A 35 -9.23 -20.94 -1.70
N ASN A 36 -10.58 -20.93 -1.75
CA ASN A 36 -11.37 -22.01 -2.34
C ASN A 36 -12.76 -21.50 -2.74
N ILE A 37 -12.83 -20.83 -3.89
CA ILE A 37 -14.09 -20.23 -4.37
C ILE A 37 -15.09 -21.31 -4.81
N THR A 38 -16.23 -21.34 -4.11
CA THR A 38 -17.33 -22.29 -4.37
C THR A 38 -18.64 -21.64 -3.91
N THR A 39 -19.76 -22.11 -4.46
CA THR A 39 -21.10 -21.68 -4.02
C THR A 39 -21.28 -21.91 -2.52
N GLU A 40 -20.73 -23.01 -2.03
CA GLU A 40 -20.77 -23.36 -0.61
C GLU A 40 -20.01 -22.36 0.25
N THR A 41 -18.79 -22.03 -0.17
CA THR A 41 -17.94 -21.10 0.56
C THR A 41 -18.45 -19.65 0.45
N SER A 42 -19.14 -19.34 -0.64
CA SER A 42 -19.73 -18.02 -0.83
C SER A 42 -20.93 -17.81 0.09
N LYS A 43 -21.75 -18.85 0.22
CA LYS A 43 -22.93 -18.85 1.10
C LYS A 43 -22.51 -18.64 2.55
N ILE A 44 -21.45 -19.33 2.97
CA ILE A 44 -20.90 -19.20 4.33
C ILE A 44 -20.42 -17.78 4.59
N LEU A 45 -19.79 -17.15 3.59
CA LEU A 45 -19.32 -15.77 3.69
C LEU A 45 -20.46 -14.77 3.87
N LEU A 46 -21.56 -14.96 3.14
CA LEU A 46 -22.71 -14.06 3.21
C LEU A 46 -23.46 -14.15 4.54
N GLN A 47 -23.46 -15.34 5.15
CA GLN A 47 -24.08 -15.54 6.45
C GLN A 47 -23.24 -14.91 7.57
N LYS A 48 -21.92 -14.93 7.39
CA LYS A 48 -20.99 -14.32 8.34
C LYS A 48 -20.93 -12.80 8.20
N ASN A 49 -21.24 -12.30 7.01
CA ASN A 49 -21.37 -10.86 6.75
C ASN A 49 -22.46 -10.22 7.59
N MET A 50 -23.65 -10.83 7.58
CA MET A 50 -24.79 -10.30 8.31
C MET A 50 -24.70 -10.53 9.82
N GLN A 51 -23.87 -11.48 10.23
CA GLN A 51 -23.59 -11.69 11.64
C GLN A 51 -22.73 -10.56 12.20
N ILE A 52 -21.68 -10.19 11.47
CA ILE A 52 -20.82 -9.07 11.82
C ILE A 52 -21.64 -7.78 11.90
N ALA A 53 -22.50 -7.57 10.90
CA ALA A 53 -23.41 -6.43 10.88
C ALA A 53 -24.34 -6.40 12.09
N ASN A 54 -24.95 -7.55 12.41
CA ASN A 54 -25.83 -7.69 13.58
C ASN A 54 -25.09 -7.37 14.88
N HIS A 55 -23.89 -7.95 15.01
CA HIS A 55 -23.03 -7.76 16.18
C HIS A 55 -22.51 -6.32 16.31
N THR A 56 -22.15 -5.71 15.18
CA THR A 56 -21.68 -4.34 15.15
C THR A 56 -22.83 -3.37 15.47
N LEU A 57 -24.02 -3.70 14.96
CA LEU A 57 -25.22 -2.92 15.24
C LEU A 57 -25.56 -2.96 16.73
N LYS A 58 -25.63 -4.18 17.28
CA LYS A 58 -25.99 -4.42 18.67
C LYS A 58 -25.04 -3.71 19.64
N TYR A 59 -23.75 -3.99 19.49
CA TYR A 59 -22.75 -3.47 20.42
C TYR A 59 -22.44 -1.99 20.22
N GLY A 60 -22.60 -1.54 18.98
CA GLY A 60 -22.46 -0.12 18.65
C GLY A 60 -23.53 0.75 19.29
N THR A 61 -24.77 0.26 19.28
CA THR A 61 -25.91 0.94 19.91
C THR A 61 -25.69 1.12 21.42
N GLN A 62 -25.20 0.07 22.08
CA GLN A 62 -24.87 0.13 23.51
C GLN A 62 -23.71 1.08 23.79
N ALA A 63 -22.67 1.01 22.95
CA ALA A 63 -21.49 1.87 23.11
C ALA A 63 -21.84 3.36 23.07
N ARG A 64 -22.88 3.69 22.30
CA ARG A 64 -23.36 5.06 22.19
C ARG A 64 -24.10 5.56 23.43
N LYS A 65 -24.51 4.64 24.30
CA LYS A 65 -25.20 5.00 25.53
C LYS A 65 -24.25 5.58 26.59
N PHE A 66 -22.95 5.36 26.39
CA PHE A 66 -21.92 5.90 27.28
C PHE A 66 -21.45 7.29 26.83
N ASP A 67 -21.22 8.16 27.81
CA ASP A 67 -20.62 9.45 27.56
C ASP A 67 -19.10 9.32 27.71
N VAL A 68 -18.42 9.23 26.56
CA VAL A 68 -17.00 8.88 26.48
C VAL A 68 -16.05 9.76 27.31
N ASN A 69 -16.36 11.05 27.42
CA ASN A 69 -15.50 11.98 28.14
C ASN A 69 -15.69 11.95 29.66
N GLN A 70 -16.70 11.19 30.12
CA GLN A 70 -16.94 10.98 31.55
C GLN A 70 -16.03 9.89 32.14
N LEU A 71 -15.23 9.26 31.29
CA LEU A 71 -14.46 8.08 31.68
C LEU A 71 -12.99 8.37 32.02
N GLN A 72 -12.53 7.77 33.12
CA GLN A 72 -11.20 8.05 33.68
C GLN A 72 -10.08 7.28 32.98
N ASN A 73 -10.41 6.09 32.49
CA ASN A 73 -9.44 5.24 31.83
C ASN A 73 -9.41 5.50 30.33
N THR A 74 -8.23 5.85 29.82
CA THR A 74 -8.07 6.23 28.41
C THR A 74 -8.10 5.01 27.48
N THR A 75 -7.55 3.90 27.95
CA THR A 75 -7.62 2.63 27.21
C THR A 75 -9.08 2.22 27.01
N ILE A 76 -9.87 2.32 28.08
CA ILE A 76 -11.31 2.06 28.03
C ILE A 76 -12.01 3.05 27.09
N LYS A 77 -11.62 4.32 27.21
CA LYS A 77 -12.18 5.43 26.44
C LYS A 77 -12.03 5.23 24.93
N ARG A 78 -10.81 4.89 24.50
CA ARG A 78 -10.50 4.63 23.09
C ARG A 78 -11.33 3.48 22.50
N ILE A 79 -11.45 2.39 23.25
CA ILE A 79 -12.19 1.21 22.79
C ILE A 79 -13.67 1.53 22.54
N ILE A 80 -14.32 2.17 23.51
CA ILE A 80 -15.73 2.53 23.38
C ILE A 80 -15.96 3.54 22.26
N LYS A 81 -15.08 4.54 22.14
CA LYS A 81 -15.20 5.56 21.10
C LYS A 81 -15.04 4.98 19.70
N LYS A 82 -14.31 3.88 19.59
CA LYS A 82 -14.17 3.14 18.34
C LYS A 82 -15.47 2.39 18.00
N VAL A 83 -16.08 1.77 19.01
CA VAL A 83 -17.30 0.96 18.83
C VAL A 83 -18.53 1.82 18.54
N GLN A 84 -18.46 3.11 18.87
CA GLN A 84 -19.55 4.06 18.57
C GLN A 84 -19.70 4.32 17.07
N ASP A 85 -18.68 3.92 16.31
CA ASP A 85 -18.65 4.06 14.86
C ASP A 85 -18.92 2.68 14.24
N LEU A 86 -20.11 2.52 13.66
CA LEU A 86 -20.56 1.22 13.16
C LEU A 86 -20.07 0.91 11.74
N GLU A 87 -19.54 1.94 11.08
CA GLU A 87 -19.16 1.88 9.65
C GLU A 87 -20.40 1.56 8.80
N ARG A 88 -20.29 0.61 7.87
CA ARG A 88 -21.42 0.26 7.00
C ARG A 88 -22.61 -0.30 7.78
N ALA A 89 -22.34 -0.93 8.93
CA ALA A 89 -23.37 -1.52 9.78
C ALA A 89 -24.35 -0.52 10.39
N ALA A 90 -24.14 0.76 10.07
CA ALA A 90 -25.04 1.84 10.48
C ALA A 90 -26.21 2.00 9.51
N LEU A 91 -26.07 1.43 8.33
CA LEU A 91 -27.08 1.56 7.27
C LEU A 91 -28.35 0.74 7.56
N PRO A 92 -29.52 1.23 7.09
CA PRO A 92 -30.73 0.41 7.06
C PRO A 92 -30.53 -0.85 6.23
N ALA A 93 -31.12 -1.96 6.66
CA ALA A 93 -30.91 -3.28 6.08
C ALA A 93 -30.77 -3.33 4.55
N GLN A 94 -31.75 -2.74 3.85
CA GLN A 94 -31.77 -2.74 2.39
C GLN A 94 -30.54 -2.05 1.78
N GLU A 95 -30.21 -0.88 2.32
CA GLU A 95 -29.07 -0.10 1.86
C GLU A 95 -27.74 -0.78 2.22
N LEU A 96 -27.71 -1.44 3.37
CA LEU A 96 -26.55 -2.21 3.79
C LEU A 96 -26.27 -3.36 2.82
N GLU A 97 -27.31 -4.11 2.46
CA GLU A 97 -27.13 -5.23 1.54
C GLU A 97 -26.89 -4.80 0.10
N GLU A 98 -27.45 -3.65 -0.28
CA GLU A 98 -27.17 -3.07 -1.60
C GLU A 98 -25.72 -2.58 -1.70
N TYR A 99 -25.22 -2.01 -0.61
CA TYR A 99 -23.83 -1.58 -0.52
C TYR A 99 -22.88 -2.78 -0.63
N ASN A 100 -23.24 -3.89 0.02
CA ASN A 100 -22.44 -5.10 -0.07
C ASN A 100 -22.45 -5.69 -1.49
N LYS A 101 -23.60 -5.62 -2.14
CA LYS A 101 -23.73 -6.04 -3.54
C LYS A 101 -22.78 -5.23 -4.44
N ILE A 102 -22.77 -3.91 -4.26
CA ILE A 102 -21.97 -3.01 -5.09
C ILE A 102 -20.47 -3.24 -4.94
N LEU A 103 -20.00 -3.35 -3.69
CA LEU A 103 -18.60 -3.67 -3.43
C LEU A 103 -18.22 -5.01 -4.05
N LEU A 104 -19.06 -6.01 -3.81
CA LEU A 104 -18.90 -7.33 -4.43
C LEU A 104 -18.83 -7.21 -5.96
N ASP A 105 -19.76 -6.46 -6.54
CA ASP A 105 -19.79 -6.28 -8.00
C ASP A 105 -18.56 -5.57 -8.54
N MET A 106 -18.06 -4.59 -7.81
CA MET A 106 -16.88 -3.83 -8.22
C MET A 106 -15.61 -4.66 -8.15
N GLU A 107 -15.45 -5.38 -7.04
CA GLU A 107 -14.31 -6.27 -6.85
C GLU A 107 -14.30 -7.43 -7.86
N THR A 108 -15.48 -8.00 -8.12
CA THR A 108 -15.61 -9.11 -9.08
C THR A 108 -15.27 -8.64 -10.49
N THR A 109 -15.81 -7.48 -10.88
CA THR A 109 -15.56 -6.90 -12.21
C THR A 109 -14.07 -6.63 -12.42
N TYR A 110 -13.41 -6.10 -11.40
CA TYR A 110 -11.98 -5.82 -11.45
C TYR A 110 -11.19 -7.12 -11.63
N SER A 111 -11.56 -8.16 -10.88
CA SER A 111 -10.78 -9.39 -10.79
C SER A 111 -10.79 -10.28 -12.03
N VAL A 112 -11.89 -10.27 -12.78
CA VAL A 112 -12.01 -11.16 -13.95
C VAL A 112 -11.86 -10.43 -15.29
N ALA A 113 -11.61 -9.12 -15.25
CA ALA A 113 -11.41 -8.32 -16.44
C ALA A 113 -10.17 -8.79 -17.21
N THR A 114 -10.35 -8.99 -18.51
CA THR A 114 -9.30 -9.51 -19.38
C THR A 114 -9.18 -8.68 -20.65
N VAL A 115 -7.94 -8.43 -21.08
CA VAL A 115 -7.68 -7.76 -22.34
C VAL A 115 -7.25 -8.80 -23.38
N CYS A 116 -7.93 -8.80 -24.52
CA CYS A 116 -7.78 -9.85 -25.51
C CYS A 116 -7.34 -9.32 -26.87
N HIS A 117 -6.49 -10.10 -27.53
CA HIS A 117 -6.14 -9.89 -28.94
C HIS A 117 -7.30 -10.37 -29.81
N PRO A 118 -7.33 -9.96 -31.09
CA PRO A 118 -8.41 -10.34 -32.03
C PRO A 118 -8.69 -11.84 -32.02
N ASN A 119 -7.74 -12.61 -32.52
CA ASN A 119 -7.83 -14.07 -32.54
C ASN A 119 -7.01 -14.70 -31.40
N GLY A 120 -6.25 -13.86 -30.69
CA GLY A 120 -5.26 -14.32 -29.71
C GLY A 120 -5.77 -14.61 -28.31
N SER A 121 -4.85 -14.58 -27.35
CA SER A 121 -5.14 -14.94 -25.95
C SER A 121 -5.72 -13.79 -25.15
N CYS A 122 -6.44 -14.13 -24.08
CA CYS A 122 -7.00 -13.14 -23.17
C CYS A 122 -6.13 -12.98 -21.93
N LEU A 123 -5.42 -11.86 -21.86
CA LEU A 123 -4.47 -11.58 -20.78
C LEU A 123 -5.17 -11.05 -19.54
N GLN A 124 -4.68 -11.47 -18.38
CA GLN A 124 -5.15 -10.96 -17.10
C GLN A 124 -4.16 -9.92 -16.57
N LEU A 125 -4.62 -9.09 -15.65
CA LEU A 125 -3.78 -8.03 -15.07
C LEU A 125 -2.47 -8.61 -14.53
N GLU A 126 -2.58 -9.65 -13.71
CA GLU A 126 -1.43 -10.29 -13.11
C GLU A 126 -1.40 -11.78 -13.46
N PRO A 127 -0.24 -12.27 -13.94
CA PRO A 127 1.00 -11.52 -14.12
C PRO A 127 1.18 -10.92 -15.52
N ASP A 128 0.28 -11.26 -16.44
CA ASP A 128 0.47 -10.99 -17.87
C ASP A 128 0.64 -9.51 -18.22
N LEU A 129 -0.34 -8.68 -17.90
CA LEU A 129 -0.28 -7.25 -18.24
C LEU A 129 0.80 -6.51 -17.44
N THR A 130 1.01 -6.96 -16.20
CA THR A 130 2.11 -6.49 -15.36
C THR A 130 3.46 -6.74 -16.04
N ASN A 131 3.63 -7.93 -16.61
CA ASN A 131 4.86 -8.30 -17.33
C ASN A 131 5.11 -7.43 -18.55
N VAL A 132 4.06 -7.17 -19.31
CA VAL A 132 4.14 -6.30 -20.49
C VAL A 132 4.62 -4.90 -20.10
N MET A 133 3.99 -4.32 -19.08
CA MET A 133 4.36 -3.00 -18.57
C MET A 133 5.82 -2.95 -18.08
N ALA A 134 6.23 -4.00 -17.38
CA ALA A 134 7.58 -4.09 -16.81
C ALA A 134 8.69 -4.24 -17.86
N THR A 135 8.46 -5.09 -18.86
CA THR A 135 9.53 -5.56 -19.74
C THR A 135 9.55 -4.99 -21.16
N SER A 136 8.38 -4.75 -21.74
CA SER A 136 8.32 -4.23 -23.11
C SER A 136 8.85 -2.81 -23.21
N ARG A 137 9.62 -2.55 -24.25
CA ARG A 137 10.19 -1.22 -24.50
C ARG A 137 9.68 -0.68 -25.84
N LYS A 138 8.55 -1.20 -26.29
CA LYS A 138 7.91 -0.76 -27.52
C LYS A 138 6.66 0.04 -27.18
N TYR A 139 6.60 1.25 -27.74
CA TYR A 139 5.57 2.25 -27.44
C TYR A 139 4.14 1.73 -27.62
N GLU A 140 3.89 1.12 -28.78
CA GLU A 140 2.53 0.67 -29.12
C GLU A 140 2.06 -0.52 -28.29
N ASP A 141 2.99 -1.38 -27.89
CA ASP A 141 2.67 -2.52 -27.03
C ASP A 141 2.32 -2.08 -25.61
N LEU A 142 3.12 -1.17 -25.06
CA LEU A 142 2.83 -0.55 -23.77
C LEU A 142 1.47 0.13 -23.80
N LEU A 143 1.21 0.85 -24.89
CA LEU A 143 -0.06 1.54 -25.10
C LEU A 143 -1.24 0.55 -25.17
N TRP A 144 -1.03 -0.56 -25.87
CA TRP A 144 -2.05 -1.61 -25.99
C TRP A 144 -2.52 -2.05 -24.60
N ALA A 145 -1.58 -2.47 -23.76
CA ALA A 145 -1.87 -2.94 -22.41
C ALA A 145 -2.42 -1.83 -21.50
N TRP A 146 -1.90 -0.61 -21.64
CA TRP A 146 -2.33 0.51 -20.81
C TRP A 146 -3.76 0.92 -21.11
N GLU A 147 -4.03 1.23 -22.39
CA GLU A 147 -5.38 1.57 -22.82
C GLU A 147 -6.34 0.42 -22.60
N GLY A 148 -5.93 -0.79 -23.00
CA GLY A 148 -6.74 -1.99 -22.90
C GLY A 148 -7.30 -2.26 -21.50
N TRP A 149 -6.44 -2.13 -20.49
CA TRP A 149 -6.84 -2.38 -19.10
C TRP A 149 -7.85 -1.36 -18.60
N ARG A 150 -7.64 -0.09 -18.93
CA ARG A 150 -8.55 0.98 -18.53
C ARG A 150 -9.90 0.91 -19.26
N ASP A 151 -9.89 0.35 -20.47
CA ASP A 151 -11.10 0.16 -21.26
C ASP A 151 -11.96 -1.00 -20.75
N LYS A 152 -11.31 -2.01 -20.18
CA LYS A 152 -12.02 -3.20 -19.72
C LYS A 152 -12.36 -3.14 -18.23
N ALA A 153 -11.37 -2.77 -17.42
CA ALA A 153 -11.56 -2.69 -15.97
C ALA A 153 -12.26 -1.39 -15.56
N GLY A 154 -11.66 -0.27 -15.93
CA GLY A 154 -12.16 1.05 -15.55
C GLY A 154 -13.57 1.37 -16.01
N ARG A 155 -13.82 1.26 -17.31
CA ARG A 155 -15.13 1.56 -17.90
C ARG A 155 -16.28 0.84 -17.18
N ALA A 156 -16.07 -0.44 -16.86
CA ALA A 156 -17.12 -1.26 -16.27
C ALA A 156 -17.35 -1.01 -14.78
N ILE A 157 -16.41 -0.34 -14.13
CA ILE A 157 -16.55 0.05 -12.72
C ILE A 157 -17.42 1.30 -12.58
N LEU A 158 -17.42 2.14 -13.63
CA LEU A 158 -18.10 3.43 -13.64
C LEU A 158 -19.62 3.36 -13.38
N GLN A 159 -20.22 2.22 -13.67
CA GLN A 159 -21.65 2.04 -13.45
C GLN A 159 -22.02 1.86 -11.97
N PHE A 160 -21.04 1.47 -11.16
CA PHE A 160 -21.29 1.22 -9.73
C PHE A 160 -20.79 2.33 -8.81
N TYR A 161 -19.82 3.13 -9.28
CA TYR A 161 -19.13 4.08 -8.41
C TYR A 161 -19.99 5.21 -7.80
N PRO A 162 -20.83 5.88 -8.62
CA PRO A 162 -21.67 6.96 -8.06
C PRO A 162 -22.59 6.49 -6.93
N LYS A 163 -23.11 5.26 -7.06
CA LYS A 163 -23.96 4.68 -6.03
C LYS A 163 -23.14 4.19 -4.83
N TYR A 164 -21.90 3.79 -5.09
CA TYR A 164 -20.94 3.47 -4.02
C TYR A 164 -20.64 4.71 -3.17
N VAL A 165 -20.35 5.82 -3.83
CA VAL A 165 -20.06 7.10 -3.17
C VAL A 165 -21.26 7.50 -2.31
N GLU A 166 -22.45 7.42 -2.89
CA GLU A 166 -23.68 7.76 -2.20
C GLU A 166 -23.83 7.02 -0.87
N LEU A 167 -23.71 5.69 -0.91
CA LEU A 167 -23.90 4.85 0.26
C LEU A 167 -22.79 4.97 1.32
N ILE A 168 -21.54 5.00 0.88
CA ILE A 168 -20.41 5.15 1.81
C ILE A 168 -20.43 6.51 2.50
N ASN A 169 -20.88 7.54 1.78
CA ASN A 169 -21.10 8.86 2.36
C ASN A 169 -22.22 8.86 3.40
N GLN A 170 -23.31 8.16 3.09
CA GLN A 170 -24.44 8.05 4.01
C GLN A 170 -24.08 7.36 5.33
N ALA A 171 -23.40 6.20 5.22
CA ALA A 171 -22.93 5.47 6.41
C ALA A 171 -22.04 6.33 7.30
N ALA A 172 -21.22 7.18 6.69
CA ALA A 172 -20.32 8.07 7.42
C ALA A 172 -21.08 9.19 8.15
N ARG A 173 -22.11 9.73 7.49
CA ARG A 173 -22.96 10.76 8.10
C ARG A 173 -23.77 10.23 9.27
N LEU A 174 -24.13 8.94 9.20
CA LEU A 174 -24.86 8.27 10.27
C LEU A 174 -23.94 7.98 11.46
N ASN A 175 -22.64 8.03 11.21
CA ASN A 175 -21.63 7.85 12.24
C ASN A 175 -21.03 9.17 12.72
N GLY A 176 -21.68 10.27 12.35
CA GLY A 176 -21.32 11.61 12.83
C GLY A 176 -20.27 12.35 12.02
N TYR A 177 -19.85 11.80 10.89
CA TYR A 177 -18.89 12.47 10.01
C TYR A 177 -19.64 13.22 8.90
N VAL A 178 -18.95 14.11 8.20
CA VAL A 178 -19.59 14.89 7.13
C VAL A 178 -19.60 14.11 5.80
N ASP A 179 -18.59 13.27 5.60
CA ASP A 179 -18.49 12.41 4.43
C ASP A 179 -17.47 11.30 4.67
N ALA A 180 -17.39 10.36 3.73
CA ALA A 180 -16.51 9.20 3.85
C ALA A 180 -15.03 9.57 3.94
N GLY A 181 -14.63 10.66 3.29
CA GLY A 181 -13.25 11.14 3.34
C GLY A 181 -12.93 11.68 4.72
N ASP A 182 -13.88 12.39 5.29
CA ASP A 182 -13.78 12.85 6.67
C ASP A 182 -13.58 11.66 7.61
N SER A 183 -14.37 10.61 7.38
CA SER A 183 -14.31 9.38 8.16
C SER A 183 -12.95 8.68 8.07
N TRP A 184 -12.39 8.62 6.87
CA TRP A 184 -11.10 7.97 6.64
C TRP A 184 -9.93 8.72 7.29
N ARG A 185 -9.94 10.06 7.17
CA ARG A 185 -8.89 10.89 7.75
C ARG A 185 -8.86 10.85 9.28
N SER A 186 -10.02 10.60 9.89
CA SER A 186 -10.16 10.58 11.35
C SER A 186 -9.39 9.45 12.02
N MET A 187 -9.09 8.41 11.24
CA MET A 187 -8.33 7.26 11.75
C MET A 187 -6.92 7.64 12.22
N TYR A 188 -6.45 8.80 11.80
CA TYR A 188 -5.11 9.28 12.16
C TYR A 188 -5.10 10.18 13.39
N GLU A 189 -6.29 10.55 13.86
CA GLU A 189 -6.45 11.35 15.08
C GLU A 189 -5.53 12.57 15.08
N THR A 190 -5.46 13.27 13.95
CA THR A 190 -4.57 14.39 13.75
C THR A 190 -5.32 15.50 13.02
N PRO A 191 -5.75 16.54 13.76
CA PRO A 191 -6.55 17.60 13.17
C PRO A 191 -5.83 18.35 12.04
N SER A 192 -4.51 18.48 12.16
CA SER A 192 -3.71 19.17 11.15
C SER A 192 -3.22 18.24 10.04
N LEU A 193 -3.85 17.06 9.93
CA LEU A 193 -3.44 16.03 8.97
C LEU A 193 -3.27 16.54 7.53
N GLU A 194 -4.28 17.24 7.02
CA GLU A 194 -4.23 17.70 5.63
C GLU A 194 -3.04 18.61 5.36
N GLN A 195 -2.84 19.60 6.24
CA GLN A 195 -1.70 20.50 6.13
C GLN A 195 -0.37 19.78 6.32
N ASP A 196 -0.33 18.82 7.23
CA ASP A 196 0.89 18.04 7.49
C ASP A 196 1.36 17.25 6.28
N LEU A 197 0.43 16.58 5.62
CA LEU A 197 0.74 15.81 4.41
C LEU A 197 1.13 16.74 3.26
N GLU A 198 0.48 17.89 3.21
CA GLU A 198 0.79 18.93 2.23
C GLU A 198 2.23 19.41 2.39
N ARG A 199 2.62 19.74 3.62
CA ARG A 199 3.98 20.21 3.91
C ARG A 199 5.04 19.17 3.60
N LEU A 200 4.78 17.91 3.96
CA LEU A 200 5.68 16.80 3.66
C LEU A 200 5.84 16.59 2.16
N PHE A 201 4.74 16.78 1.42
CA PHE A 201 4.77 16.70 -0.04
C PHE A 201 5.64 17.80 -0.64
N GLN A 202 5.57 19.01 -0.08
CA GLN A 202 6.36 20.15 -0.56
C GLN A 202 7.87 19.96 -0.36
N GLU A 203 8.24 19.37 0.78
CA GLU A 203 9.64 19.15 1.14
C GLU A 203 10.32 18.10 0.27
N LEU A 204 9.51 17.21 -0.31
CA LEU A 204 10.02 16.16 -1.18
C LEU A 204 9.87 16.50 -2.68
N GLN A 205 9.35 17.69 -2.94
CA GLN A 205 9.14 18.19 -4.31
C GLN A 205 10.41 18.28 -5.15
N PRO A 206 11.43 19.04 -4.67
CA PRO A 206 12.65 19.20 -5.49
C PRO A 206 13.33 17.87 -5.80
N LEU A 207 13.23 16.92 -4.88
CA LEU A 207 13.76 15.58 -5.08
C LEU A 207 13.02 14.81 -6.17
N TYR A 208 11.68 14.92 -6.18
CA TYR A 208 10.89 14.28 -7.23
C TYR A 208 11.07 14.95 -8.59
N LEU A 209 11.07 16.29 -8.61
CA LEU A 209 11.23 17.05 -9.86
C LEU A 209 12.55 16.73 -10.57
N ASN A 210 13.63 16.62 -9.79
CA ASN A 210 14.94 16.24 -10.29
C ASN A 210 15.00 14.81 -10.84
N LEU A 211 14.32 13.89 -10.16
CA LEU A 211 14.21 12.51 -10.66
C LEU A 211 13.39 12.49 -11.94
N HIS A 212 12.26 13.19 -11.92
CA HIS A 212 11.34 13.28 -13.05
C HIS A 212 12.01 13.85 -14.30
N ALA A 213 12.75 14.95 -14.14
CA ALA A 213 13.47 15.59 -15.25
C ALA A 213 14.50 14.65 -15.85
N TYR A 214 15.24 13.96 -14.99
CA TYR A 214 16.27 13.02 -15.41
C TYR A 214 15.68 11.87 -16.21
N VAL A 215 14.61 11.27 -15.70
CA VAL A 215 13.96 10.11 -16.32
C VAL A 215 13.32 10.50 -17.65
N ARG A 216 12.67 11.65 -17.67
CA ARG A 216 12.10 12.20 -18.90
C ARG A 216 13.14 12.27 -20.05
N ARG A 217 14.36 12.69 -19.71
CA ARG A 217 15.42 12.79 -20.70
C ARG A 217 15.85 11.42 -21.22
N ALA A 218 15.93 10.45 -20.31
CA ALA A 218 16.29 9.08 -20.66
C ALA A 218 15.25 8.46 -21.59
N LEU A 219 13.98 8.76 -21.33
CA LEU A 219 12.87 8.29 -22.15
C LEU A 219 12.86 8.99 -23.51
N HIS A 220 13.26 10.26 -23.51
CA HIS A 220 13.47 11.04 -24.73
C HIS A 220 14.51 10.36 -25.63
N ARG A 221 15.56 9.84 -25.01
CA ARG A 221 16.64 9.17 -25.73
C ARG A 221 16.19 7.84 -26.33
N HIS A 222 15.38 7.09 -25.58
CA HIS A 222 14.93 5.77 -26.00
C HIS A 222 13.72 5.82 -26.96
N TYR A 223 12.71 6.61 -26.60
CA TYR A 223 11.46 6.66 -27.38
C TYR A 223 11.42 7.74 -28.46
N GLY A 224 12.47 8.54 -28.57
CA GLY A 224 12.59 9.53 -29.64
C GLY A 224 11.95 10.88 -29.37
N ALA A 225 12.61 11.93 -29.88
CA ALA A 225 12.23 13.32 -29.64
C ALA A 225 10.78 13.67 -29.99
N GLN A 226 10.19 12.93 -30.93
CA GLN A 226 8.81 13.17 -31.35
C GLN A 226 7.75 12.62 -30.37
N HIS A 227 8.18 11.96 -29.30
CA HIS A 227 7.25 11.32 -28.37
C HIS A 227 7.42 11.77 -26.93
N ILE A 228 8.41 12.62 -26.68
CA ILE A 228 8.72 13.12 -25.34
C ILE A 228 9.02 14.61 -25.41
N ASN A 229 8.21 15.41 -24.71
CA ASN A 229 8.49 16.83 -24.56
C ASN A 229 9.31 17.07 -23.29
N LEU A 230 10.50 17.62 -23.47
CA LEU A 230 11.43 17.84 -22.36
C LEU A 230 10.99 18.94 -21.39
N GLU A 231 9.89 19.62 -21.70
CA GLU A 231 9.32 20.62 -20.81
C GLU A 231 7.87 20.31 -20.52
N GLY A 232 7.45 19.09 -20.83
CA GLY A 232 6.07 18.68 -20.62
C GLY A 232 5.95 17.44 -19.78
N PRO A 233 4.71 17.02 -19.48
CA PRO A 233 4.47 15.81 -18.71
C PRO A 233 4.93 14.55 -19.45
N ILE A 234 5.27 13.51 -18.70
CA ILE A 234 5.64 12.23 -19.27
C ILE A 234 4.37 11.43 -19.55
N PRO A 235 4.31 10.76 -20.72
CA PRO A 235 3.22 9.83 -20.99
C PRO A 235 3.19 8.69 -19.97
N ALA A 236 2.01 8.44 -19.42
CA ALA A 236 1.84 7.61 -18.23
C ALA A 236 2.15 6.12 -18.38
N HIS A 237 2.26 5.64 -19.61
CA HIS A 237 2.42 4.22 -19.91
C HIS A 237 3.88 3.74 -20.04
N LEU A 238 4.82 4.64 -19.77
CA LEU A 238 6.23 4.41 -20.08
C LEU A 238 7.13 4.09 -18.87
N LEU A 239 6.55 4.07 -17.67
CA LEU A 239 7.32 4.00 -16.43
C LEU A 239 7.52 2.59 -15.85
N GLY A 240 7.24 1.56 -16.64
CA GLY A 240 7.45 0.17 -16.21
C GLY A 240 6.38 -0.38 -15.28
N ASN A 241 5.35 0.43 -15.01
CA ASN A 241 4.27 0.06 -14.10
C ASN A 241 2.92 0.52 -14.65
N MET A 242 1.90 -0.32 -14.50
CA MET A 242 0.55 -0.03 -15.00
C MET A 242 0.02 1.33 -14.53
N TRP A 243 0.31 1.70 -13.29
CA TRP A 243 -0.22 2.94 -12.74
C TRP A 243 0.87 4.00 -12.58
N ALA A 244 2.05 3.68 -13.11
CA ALA A 244 3.23 4.55 -13.01
C ALA A 244 3.41 5.05 -11.58
N GLN A 245 3.15 4.16 -10.63
CA GLN A 245 3.21 4.48 -9.21
C GLN A 245 4.61 4.25 -8.68
N THR A 246 5.32 3.31 -9.31
CA THR A 246 6.69 2.96 -8.97
C THR A 246 7.44 2.68 -10.27
N TRP A 247 8.65 3.23 -10.40
CA TRP A 247 9.36 3.22 -11.70
C TRP A 247 10.57 2.28 -11.77
N SER A 248 10.63 1.29 -10.87
CA SER A 248 11.82 0.46 -10.75
C SER A 248 12.10 -0.44 -11.98
N ASN A 249 11.06 -0.83 -12.71
CA ASN A 249 11.20 -1.69 -13.88
C ASN A 249 11.91 -1.06 -15.08
N ILE A 250 12.01 0.27 -15.12
CA ILE A 250 12.75 0.94 -16.19
C ILE A 250 14.18 1.32 -15.78
N TYR A 251 14.72 0.59 -14.81
CA TYR A 251 16.09 0.79 -14.34
C TYR A 251 17.09 0.74 -15.49
N ASP A 252 16.93 -0.26 -16.38
CA ASP A 252 17.80 -0.45 -17.54
C ASP A 252 17.85 0.77 -18.46
N LEU A 253 16.75 1.52 -18.50
CA LEU A 253 16.66 2.71 -19.34
C LEU A 253 17.34 3.93 -18.73
N VAL A 254 17.46 3.96 -17.41
CA VAL A 254 17.89 5.16 -16.69
C VAL A 254 19.17 5.00 -15.90
N VAL A 255 19.63 3.76 -15.73
CA VAL A 255 20.85 3.47 -14.95
C VAL A 255 22.00 4.39 -15.36
N PRO A 256 22.48 5.24 -14.42
CA PRO A 256 23.48 6.28 -14.68
C PRO A 256 24.79 5.69 -15.21
N PHE A 257 25.18 4.53 -14.68
CA PHE A 257 26.40 3.88 -15.11
C PHE A 257 26.14 2.44 -15.50
N PRO A 258 25.75 2.20 -16.77
CA PRO A 258 25.83 0.84 -17.30
C PRO A 258 27.30 0.45 -17.42
N SER A 259 28.16 1.47 -17.35
CA SER A 259 29.61 1.33 -17.20
C SER A 259 29.97 0.45 -16.00
N ALA A 260 29.12 0.49 -14.97
CA ALA A 260 29.21 -0.42 -13.83
C ALA A 260 28.00 -1.35 -13.85
N PRO A 261 28.16 -2.56 -14.42
CA PRO A 261 27.02 -3.48 -14.50
C PRO A 261 26.79 -4.22 -13.19
N SER A 262 25.64 -4.89 -13.09
CA SER A 262 25.31 -5.72 -11.93
C SER A 262 24.42 -6.89 -12.36
N MET A 263 24.40 -7.95 -11.57
CA MET A 263 23.62 -9.15 -11.87
C MET A 263 22.14 -8.86 -12.06
N ASP A 264 21.51 -9.53 -13.03
CA ASP A 264 20.05 -9.50 -13.15
C ASP A 264 19.48 -10.42 -12.09
N THR A 265 18.88 -9.81 -11.07
CA THR A 265 18.46 -10.52 -9.85
C THR A 265 17.48 -11.66 -10.11
N THR A 266 16.48 -11.40 -10.96
CA THR A 266 15.46 -12.40 -11.30
C THR A 266 16.07 -13.65 -11.97
N GLU A 267 17.06 -13.43 -12.83
CA GLU A 267 17.80 -14.50 -13.48
C GLU A 267 18.53 -15.37 -12.44
N ALA A 268 19.21 -14.72 -11.51
CA ALA A 268 19.99 -15.39 -10.47
C ALA A 268 19.13 -16.20 -9.50
N MET A 269 17.91 -15.73 -9.26
CA MET A 269 16.97 -16.38 -8.35
C MET A 269 16.42 -17.68 -8.93
N LEU A 270 15.97 -17.62 -10.18
CA LEU A 270 15.43 -18.79 -10.88
C LEU A 270 16.51 -19.84 -11.14
N LYS A 271 17.74 -19.37 -11.34
CA LYS A 271 18.90 -20.25 -11.57
C LYS A 271 19.30 -21.01 -10.30
N GLN A 272 19.34 -20.32 -9.16
CA GLN A 272 19.81 -20.89 -7.90
C GLN A 272 18.73 -21.65 -7.11
N GLY A 273 17.58 -21.83 -7.72
CA GLY A 273 16.51 -22.63 -7.12
C GLY A 273 15.77 -21.96 -5.97
N TRP A 274 15.35 -20.71 -6.18
CA TRP A 274 14.53 -20.00 -5.21
C TRP A 274 13.06 -20.35 -5.42
N THR A 275 12.39 -20.77 -4.36
CA THR A 275 10.95 -21.04 -4.41
C THR A 275 10.19 -19.98 -3.61
N PRO A 276 8.88 -19.80 -3.89
CA PRO A 276 8.11 -18.87 -3.07
C PRO A 276 8.20 -19.23 -1.58
N ARG A 277 8.06 -20.52 -1.26
CA ARG A 277 8.23 -21.03 0.09
C ARG A 277 9.55 -20.52 0.69
N ARG A 278 10.61 -20.57 -0.11
CA ARG A 278 11.96 -20.23 0.33
C ARG A 278 12.17 -18.72 0.48
N MET A 279 11.37 -17.95 -0.25
CA MET A 279 11.40 -16.48 -0.17
C MET A 279 10.80 -15.99 1.15
N PHE A 280 9.81 -16.72 1.65
CA PHE A 280 9.18 -16.39 2.92
C PHE A 280 10.00 -16.90 4.11
N LYS A 281 10.70 -18.01 3.92
CA LYS A 281 11.65 -18.51 4.92
C LYS A 281 12.74 -17.45 5.15
N GLU A 282 13.26 -16.92 4.05
CA GLU A 282 14.31 -15.90 4.07
C GLU A 282 13.86 -14.61 4.76
N ALA A 283 12.59 -14.24 4.55
CA ALA A 283 12.03 -13.06 5.21
C ALA A 283 11.79 -13.32 6.69
N ASP A 284 11.39 -14.54 7.01
CA ASP A 284 11.22 -14.98 8.40
C ASP A 284 12.54 -14.95 9.17
N ASP A 285 13.61 -15.39 8.50
N ASP A 285 13.62 -15.38 8.51
CA ASP A 285 14.96 -15.40 9.09
CA ASP A 285 14.94 -15.41 9.10
C ASP A 285 15.44 -14.00 9.45
C ASP A 285 15.49 -14.01 9.41
N PHE A 286 15.13 -13.03 8.58
CA PHE A 286 15.56 -11.63 8.77
C PHE A 286 14.95 -11.02 10.02
N PHE A 287 13.69 -11.33 10.29
CA PHE A 287 13.02 -10.87 11.50
C PHE A 287 13.62 -11.50 12.76
N THR A 288 13.77 -12.82 12.75
CA THR A 288 14.33 -13.55 13.88
C THR A 288 15.78 -13.18 14.18
N SER A 289 16.52 -12.77 13.14
CA SER A 289 17.90 -12.30 13.31
C SER A 289 17.96 -11.04 14.16
N LEU A 290 16.91 -10.23 14.10
CA LEU A 290 16.76 -9.05 14.95
C LEU A 290 16.33 -9.39 16.38
N GLY A 291 16.05 -10.67 16.61
CA GLY A 291 15.58 -11.13 17.92
C GLY A 291 14.07 -11.07 18.05
N LEU A 292 13.40 -10.84 16.92
CA LEU A 292 11.94 -10.77 16.88
C LEU A 292 11.31 -12.15 16.76
N LEU A 293 9.99 -12.21 16.88
CA LEU A 293 9.24 -13.47 16.92
C LEU A 293 9.26 -14.24 15.59
N PRO A 294 9.48 -15.57 15.67
CA PRO A 294 9.30 -16.44 14.51
C PRO A 294 7.83 -16.69 14.23
N VAL A 295 7.50 -17.10 13.02
CA VAL A 295 6.13 -17.47 12.68
C VAL A 295 5.81 -18.88 13.19
N PRO A 296 4.59 -19.07 13.73
CA PRO A 296 4.15 -20.39 14.21
C PRO A 296 4.10 -21.43 13.08
N PRO A 297 4.14 -22.73 13.44
CA PRO A 297 4.07 -23.80 12.43
C PRO A 297 2.78 -23.78 11.62
N GLU A 298 1.68 -23.35 12.24
CA GLU A 298 0.38 -23.27 11.59
C GLU A 298 0.40 -22.32 10.37
N PHE A 299 1.25 -21.30 10.43
CA PHE A 299 1.46 -20.37 9.31
C PHE A 299 1.93 -21.11 8.05
N TRP A 300 2.88 -22.03 8.20
CA TRP A 300 3.46 -22.75 7.07
C TRP A 300 2.48 -23.78 6.48
N ASN A 301 1.66 -24.37 7.35
CA ASN A 301 0.63 -25.33 6.94
C ASN A 301 -0.53 -24.70 6.18
N LYS A 302 -1.09 -23.63 6.75
CA LYS A 302 -2.35 -23.06 6.28
C LYS A 302 -2.26 -21.92 5.24
N SER A 303 -1.07 -21.32 5.10
CA SER A 303 -0.85 -20.21 4.18
C SER A 303 -0.82 -20.65 2.71
N MET A 304 -1.40 -19.82 1.86
CA MET A 304 -1.36 -20.03 0.42
C MET A 304 -0.25 -19.17 -0.17
N LEU A 305 0.98 -19.68 -0.10
CA LEU A 305 2.16 -18.93 -0.53
C LEU A 305 2.37 -18.98 -2.05
N GLU A 306 1.69 -19.92 -2.69
CA GLU A 306 1.64 -20.03 -4.14
C GLU A 306 0.29 -20.62 -4.55
N LYS A 307 -0.13 -20.37 -5.78
CA LYS A 307 -1.42 -20.86 -6.27
C LYS A 307 -1.46 -22.39 -6.36
N PRO A 308 -2.59 -23.00 -5.95
CA PRO A 308 -2.73 -24.46 -5.96
C PRO A 308 -2.98 -25.04 -7.36
N THR A 309 -2.88 -26.36 -7.48
CA THR A 309 -3.08 -27.06 -8.76
C THR A 309 -4.25 -28.05 -8.67
N ASP A 310 -4.61 -28.43 -7.44
CA ASP A 310 -5.71 -29.38 -7.19
C ASP A 310 -7.05 -28.92 -7.77
N GLY A 311 -7.31 -27.61 -7.66
CA GLY A 311 -8.52 -26.99 -8.18
C GLY A 311 -8.30 -25.50 -8.39
N ARG A 312 -8.89 -24.98 -9.46
CA ARG A 312 -8.75 -23.57 -9.82
C ARG A 312 -9.55 -22.64 -8.89
N GLU A 313 -9.94 -21.47 -9.39
CA GLU A 313 -10.74 -20.49 -8.66
C GLU A 313 -10.15 -20.09 -7.30
N VAL A 314 -9.17 -19.19 -7.34
CA VAL A 314 -8.57 -18.57 -6.15
C VAL A 314 -8.31 -17.08 -6.40
N VAL A 315 -8.28 -16.30 -5.32
CA VAL A 315 -7.92 -14.88 -5.42
C VAL A 315 -6.41 -14.74 -5.18
N CYS A 316 -5.70 -14.21 -6.19
CA CYS A 316 -4.25 -14.19 -6.17
C CYS A 316 -3.62 -12.93 -5.57
N HIS A 317 -4.44 -11.93 -5.27
CA HIS A 317 -3.96 -10.68 -4.71
C HIS A 317 -3.21 -10.91 -3.40
N ALA A 318 -2.09 -10.21 -3.24
CA ALA A 318 -1.24 -10.35 -2.06
C ALA A 318 -1.93 -9.77 -0.83
N SER A 319 -1.93 -10.53 0.27
CA SER A 319 -2.58 -10.10 1.51
C SER A 319 -2.08 -10.86 2.75
N ALA A 320 -2.03 -10.15 3.87
CA ALA A 320 -1.68 -10.74 5.16
C ALA A 320 -2.88 -10.75 6.10
N TRP A 321 -3.08 -11.88 6.78
CA TRP A 321 -4.32 -12.13 7.52
C TRP A 321 -4.12 -12.36 9.01
N ASP A 322 -4.82 -11.57 9.82
CA ASP A 322 -4.96 -11.80 11.24
C ASP A 322 -6.31 -12.51 11.46
N PHE A 323 -6.30 -13.60 12.22
CA PHE A 323 -7.52 -14.37 12.47
C PHE A 323 -8.10 -14.13 13.85
N TYR A 324 -7.53 -13.17 14.57
CA TYR A 324 -8.03 -12.70 15.87
C TYR A 324 -8.19 -13.87 16.86
N ASN A 325 -7.17 -14.72 16.80
CA ASN A 325 -7.09 -15.97 17.54
C ASN A 325 -5.96 -15.85 18.54
N GLY A 326 -4.92 -15.09 18.16
CA GLY A 326 -3.68 -15.01 18.92
C GLY A 326 -2.66 -16.05 18.47
N LYS A 327 -3.12 -17.03 17.70
CA LYS A 327 -2.29 -18.17 17.28
C LYS A 327 -2.21 -18.32 15.76
N ASP A 328 -3.22 -17.79 15.06
CA ASP A 328 -3.40 -18.05 13.64
C ASP A 328 -3.16 -16.80 12.78
N PHE A 329 -2.07 -16.82 12.04
CA PHE A 329 -1.68 -15.72 11.16
C PHE A 329 -1.21 -16.29 9.84
N ARG A 330 -1.68 -15.72 8.72
CA ARG A 330 -1.38 -16.26 7.39
C ARG A 330 -1.11 -15.21 6.32
N ILE A 331 -0.43 -15.63 5.27
CA ILE A 331 -0.25 -14.82 4.06
C ILE A 331 -0.89 -15.55 2.88
N LYS A 332 -1.54 -14.77 2.01
CA LYS A 332 -2.16 -15.29 0.81
C LYS A 332 -1.61 -14.53 -0.41
N GLN A 333 -0.86 -15.24 -1.24
CA GLN A 333 -0.21 -14.64 -2.40
C GLN A 333 0.13 -15.68 -3.47
N CYS A 334 -0.07 -15.32 -4.73
CA CYS A 334 0.39 -16.12 -5.85
C CYS A 334 1.75 -15.58 -6.27
N THR A 335 2.75 -15.88 -5.45
CA THR A 335 4.10 -15.35 -5.59
C THR A 335 4.81 -15.88 -6.83
N THR A 336 5.41 -14.96 -7.59
CA THR A 336 6.31 -15.29 -8.69
C THR A 336 7.73 -15.09 -8.21
N VAL A 337 8.63 -15.99 -8.59
CA VAL A 337 10.03 -15.90 -8.15
C VAL A 337 10.79 -14.78 -8.86
N ASN A 338 10.94 -13.66 -8.16
CA ASN A 338 11.66 -12.48 -8.65
C ASN A 338 11.98 -11.52 -7.51
N LEU A 339 12.82 -10.51 -7.81
CA LEU A 339 13.25 -9.54 -6.81
C LEU A 339 12.09 -8.74 -6.24
N GLU A 340 11.17 -8.34 -7.12
CA GLU A 340 10.01 -7.55 -6.77
C GLU A 340 9.11 -8.29 -5.78
N ASP A 341 9.03 -9.61 -5.92
CA ASP A 341 8.22 -10.43 -5.01
C ASP A 341 8.98 -10.84 -3.75
N LEU A 342 10.31 -10.78 -3.80
CA LEU A 342 11.12 -11.04 -2.61
C LEU A 342 11.05 -9.87 -1.63
N VAL A 343 11.06 -8.65 -2.18
CA VAL A 343 10.85 -7.43 -1.40
C VAL A 343 9.44 -7.42 -0.79
N VAL A 344 8.44 -7.66 -1.62
CA VAL A 344 7.04 -7.72 -1.17
C VAL A 344 6.82 -8.77 -0.08
N ALA A 345 7.53 -9.90 -0.18
CA ALA A 345 7.48 -10.96 0.82
C ALA A 345 7.89 -10.47 2.21
N HIS A 346 8.97 -9.68 2.25
CA HIS A 346 9.42 -9.04 3.49
C HIS A 346 8.39 -8.04 4.02
N HIS A 347 7.74 -7.30 3.11
CA HIS A 347 6.70 -6.35 3.49
C HIS A 347 5.56 -7.03 4.21
N GLU A 348 5.10 -8.15 3.66
CA GLU A 348 3.92 -8.86 4.16
C GLU A 348 4.22 -9.63 5.43
N MET A 349 5.45 -10.11 5.58
CA MET A 349 5.89 -10.72 6.82
C MET A 349 5.95 -9.67 7.92
N GLY A 350 6.18 -8.43 7.52
CA GLY A 350 6.10 -7.28 8.42
C GLY A 350 4.74 -7.12 9.07
N HIS A 351 3.69 -7.42 8.32
CA HIS A 351 2.31 -7.40 8.84
C HIS A 351 2.10 -8.55 9.81
N ILE A 352 2.64 -9.72 9.47
CA ILE A 352 2.54 -10.91 10.31
C ILE A 352 3.24 -10.68 11.64
N GLN A 353 4.40 -10.01 11.60
CA GLN A 353 5.14 -9.66 12.79
C GLN A 353 4.32 -8.73 13.69
N TYR A 354 3.69 -7.74 13.07
CA TYR A 354 2.87 -6.78 13.78
C TYR A 354 1.69 -7.46 14.48
N PHE A 355 1.07 -8.41 13.78
CA PHE A 355 -0.02 -9.21 14.33
C PHE A 355 0.43 -9.98 15.58
N MET A 356 1.60 -10.59 15.49
CA MET A 356 2.14 -11.43 16.56
C MET A 356 2.55 -10.62 17.78
N GLN A 357 3.02 -9.39 17.54
CA GLN A 357 3.46 -8.50 18.61
C GLN A 357 2.30 -8.01 19.48
N TYR A 358 1.22 -7.54 18.85
CA TYR A 358 0.07 -7.00 19.62
C TYR A 358 -1.08 -8.01 19.87
N LYS A 359 -0.78 -9.30 19.73
CA LYS A 359 -1.76 -10.37 19.85
C LYS A 359 -2.38 -10.53 21.25
N ASP A 360 -1.68 -10.02 22.27
CA ASP A 360 -2.15 -10.12 23.65
C ASP A 360 -3.14 -9.02 24.03
N LEU A 361 -3.23 -7.98 23.20
CA LEU A 361 -4.20 -6.90 23.39
C LEU A 361 -5.62 -7.36 23.07
N PRO A 362 -6.63 -6.65 23.62
CA PRO A 362 -8.01 -6.92 23.21
C PRO A 362 -8.20 -6.61 21.73
N VAL A 363 -9.01 -7.40 21.03
CA VAL A 363 -9.14 -7.29 19.57
C VAL A 363 -9.39 -5.87 19.04
N ALA A 364 -10.11 -5.06 19.83
CA ALA A 364 -10.40 -3.67 19.47
C ALA A 364 -9.12 -2.85 19.25
N LEU A 365 -8.06 -3.18 19.97
CA LEU A 365 -6.79 -2.47 19.87
C LEU A 365 -5.75 -3.21 19.03
N ARG A 366 -6.17 -4.30 18.37
CA ARG A 366 -5.28 -5.06 17.49
C ARG A 366 -5.14 -4.43 16.10
N GLU A 367 -4.47 -3.29 16.07
CA GLU A 367 -4.17 -2.54 14.84
C GLU A 367 -2.84 -1.80 15.00
N GLY A 368 -2.39 -1.17 13.93
CA GLY A 368 -1.21 -0.31 13.98
C GLY A 368 -1.56 1.01 14.64
N ALA A 369 -0.54 1.69 15.17
CA ALA A 369 -0.71 3.00 15.82
C ALA A 369 -1.58 3.93 14.98
N ASN A 370 -1.30 3.96 13.68
CA ASN A 370 -2.23 4.45 12.66
C ASN A 370 -2.07 3.57 11.42
N PRO A 371 -3.03 3.62 10.47
CA PRO A 371 -2.91 2.75 9.30
C PRO A 371 -1.55 2.82 8.58
N GLY A 372 -0.87 3.95 8.69
CA GLY A 372 0.45 4.12 8.07
C GLY A 372 1.57 3.35 8.75
N PHE A 373 1.48 3.24 10.08
CA PHE A 373 2.43 2.45 10.87
C PHE A 373 2.52 0.99 10.43
N HIS A 374 1.36 0.41 10.10
CA HIS A 374 1.28 -1.02 9.79
C HIS A 374 2.06 -1.39 8.53
N GLU A 375 2.00 -0.52 7.53
CA GLU A 375 2.66 -0.76 6.25
C GLU A 375 4.14 -0.39 6.35
N ALA A 376 4.46 0.48 7.31
CA ALA A 376 5.82 0.91 7.57
C ALA A 376 6.72 -0.24 8.04
N ILE A 377 6.22 -1.04 9.00
CA ILE A 377 6.91 -2.24 9.44
C ILE A 377 6.92 -3.25 8.29
N GLY A 378 8.11 -3.71 7.92
CA GLY A 378 8.24 -4.58 6.76
C GLY A 378 8.97 -3.83 5.68
N ASP A 379 8.55 -2.59 5.44
CA ASP A 379 9.25 -1.69 4.53
C ASP A 379 10.59 -1.23 5.09
N VAL A 380 10.64 -0.99 6.40
CA VAL A 380 11.87 -0.58 7.08
C VAL A 380 12.93 -1.67 6.96
N LEU A 381 12.53 -2.91 7.24
CA LEU A 381 13.43 -4.05 7.12
C LEU A 381 13.88 -4.29 5.69
N ALA A 382 12.92 -4.19 4.76
CA ALA A 382 13.20 -4.37 3.32
C ALA A 382 14.23 -3.36 2.79
N LEU A 383 14.31 -2.19 3.42
CA LEU A 383 15.34 -1.21 3.07
C LEU A 383 16.73 -1.81 3.25
N SER A 384 16.94 -2.47 4.39
CA SER A 384 18.19 -3.18 4.67
C SER A 384 18.39 -4.37 3.75
N VAL A 385 17.29 -5.05 3.41
CA VAL A 385 17.31 -6.17 2.48
C VAL A 385 17.71 -5.68 1.09
N SER A 386 17.24 -4.49 0.74
CA SER A 386 17.50 -3.89 -0.57
C SER A 386 18.98 -3.51 -0.77
N THR A 387 19.71 -3.30 0.32
CA THR A 387 21.11 -2.90 0.24
C THR A 387 21.97 -3.93 -0.50
N PRO A 388 22.93 -3.46 -1.32
CA PRO A 388 23.85 -4.33 -2.05
C PRO A 388 24.63 -5.28 -1.15
N LYS A 389 24.94 -4.85 0.07
CA LYS A 389 25.70 -5.67 1.00
C LYS A 389 24.92 -6.93 1.35
N HIS A 390 23.62 -6.77 1.59
CA HIS A 390 22.74 -7.88 1.93
C HIS A 390 22.38 -8.75 0.73
N LEU A 391 22.17 -8.13 -0.43
CA LEU A 391 21.83 -8.87 -1.64
C LEU A 391 23.00 -9.69 -2.18
N HIS A 392 24.22 -9.20 -2.00
CA HIS A 392 25.43 -9.95 -2.33
C HIS A 392 25.57 -11.18 -1.44
N SER A 393 25.13 -11.05 -0.19
CA SER A 393 25.17 -12.17 0.76
C SER A 393 24.10 -13.22 0.46
N LEU A 394 23.10 -12.84 -0.33
CA LEU A 394 22.08 -13.78 -0.80
C LEU A 394 22.47 -14.38 -2.16
N ASN A 395 23.67 -14.05 -2.62
CA ASN A 395 24.19 -14.44 -3.94
C ASN A 395 23.33 -13.89 -5.07
N LEU A 396 22.93 -12.62 -4.95
CA LEU A 396 22.07 -11.97 -5.93
C LEU A 396 22.70 -10.74 -6.57
N LEU A 397 23.92 -10.41 -6.13
CA LEU A 397 24.72 -9.35 -6.74
C LEU A 397 26.20 -9.74 -6.76
N SER A 398 27.05 -8.83 -7.25
CA SER A 398 28.50 -9.06 -7.26
C SER A 398 29.26 -7.76 -6.97
N SER A 403 32.63 1.77 -7.84
CA SER A 403 32.15 1.64 -6.47
C SER A 403 31.28 2.83 -6.09
N ASP A 404 31.78 4.04 -6.34
CA ASP A 404 30.97 5.26 -6.26
C ASP A 404 29.91 5.23 -7.35
N GLU A 405 30.28 4.67 -8.50
CA GLU A 405 29.38 4.50 -9.63
C GLU A 405 28.34 3.42 -9.35
N HIS A 406 28.73 2.40 -8.59
CA HIS A 406 27.80 1.37 -8.12
C HIS A 406 26.86 1.96 -7.07
N ASP A 407 27.38 2.91 -6.30
CA ASP A 407 26.62 3.56 -5.23
C ASP A 407 25.50 4.44 -5.78
N ILE A 408 25.81 5.23 -6.81
CA ILE A 408 24.82 6.08 -7.48
C ILE A 408 23.75 5.23 -8.19
N ASN A 409 24.18 4.13 -8.80
CA ASN A 409 23.28 3.13 -9.40
C ASN A 409 22.20 2.65 -8.41
N PHE A 410 22.64 2.19 -7.26
CA PHE A 410 21.75 1.68 -6.20
C PHE A 410 20.75 2.74 -5.72
N LEU A 411 21.25 3.94 -5.43
CA LEU A 411 20.40 5.05 -5.02
C LEU A 411 19.37 5.43 -6.07
N MET A 412 19.73 5.27 -7.35
CA MET A 412 18.81 5.53 -8.45
C MET A 412 17.71 4.49 -8.45
N LYS A 413 18.09 3.23 -8.25
CA LYS A 413 17.14 2.12 -8.16
C LYS A 413 16.13 2.33 -7.03
N MET A 414 16.62 2.79 -5.87
CA MET A 414 15.76 3.08 -4.73
C MET A 414 14.89 4.33 -4.95
N ALA A 415 15.42 5.32 -5.66
CA ALA A 415 14.66 6.50 -6.02
C ALA A 415 13.50 6.15 -6.95
N LEU A 416 13.75 5.24 -7.88
CA LEU A 416 12.72 4.81 -8.83
C LEU A 416 11.59 4.07 -8.11
N ASP A 417 11.93 3.37 -7.04
CA ASP A 417 10.95 2.67 -6.20
C ASP A 417 10.23 3.65 -5.27
N LYS A 418 11.01 4.36 -4.46
CA LYS A 418 10.48 5.16 -3.34
C LYS A 418 10.06 6.59 -3.69
N ILE A 419 10.91 7.34 -4.41
CA ILE A 419 10.61 8.74 -4.77
C ILE A 419 9.42 8.88 -5.73
N ALA A 420 9.38 8.04 -6.76
CA ALA A 420 8.28 8.03 -7.74
C ALA A 420 6.91 7.77 -7.12
N PHE A 421 6.88 6.99 -6.04
CA PHE A 421 5.64 6.62 -5.38
C PHE A 421 5.02 7.75 -4.56
N ILE A 422 5.87 8.66 -4.08
CA ILE A 422 5.44 9.78 -3.24
C ILE A 422 4.25 10.56 -3.84
N PRO A 423 4.38 11.10 -5.07
CA PRO A 423 3.25 11.84 -5.62
C PRO A 423 2.01 10.98 -5.90
N PHE A 424 2.20 9.71 -6.26
CA PHE A 424 1.06 8.83 -6.54
C PHE A 424 0.24 8.48 -5.29
N SER A 425 0.93 8.12 -4.20
CA SER A 425 0.26 7.79 -2.94
C SER A 425 -0.48 9.00 -2.37
N TYR A 426 0.08 10.18 -2.56
CA TYR A 426 -0.56 11.44 -2.17
C TYR A 426 -1.78 11.69 -3.03
N LEU A 427 -1.62 11.46 -4.33
CA LEU A 427 -2.61 11.73 -5.37
C LEU A 427 -3.96 11.02 -5.18
N VAL A 428 -3.91 9.72 -4.89
CA VAL A 428 -5.11 8.87 -4.89
C VAL A 428 -6.21 9.39 -3.97
N ASP A 429 -5.86 9.62 -2.70
CA ASP A 429 -6.86 10.08 -1.75
C ASP A 429 -7.14 11.59 -1.85
N GLN A 430 -6.22 12.34 -2.46
CA GLN A 430 -6.54 13.74 -2.80
C GLN A 430 -7.73 13.76 -3.76
N TRP A 431 -7.75 12.84 -4.71
CA TRP A 431 -8.88 12.67 -5.61
C TRP A 431 -10.13 12.19 -4.86
N ARG A 432 -10.01 11.10 -4.11
CA ARG A 432 -11.14 10.53 -3.37
C ARG A 432 -11.82 11.46 -2.38
N TRP A 433 -11.02 12.17 -1.58
CA TRP A 433 -11.59 13.09 -0.60
C TRP A 433 -12.47 14.12 -1.29
N ARG A 434 -12.03 14.58 -2.46
CA ARG A 434 -12.78 15.56 -3.25
C ARG A 434 -14.03 14.96 -3.92
N VAL A 435 -13.98 13.65 -4.19
CA VAL A 435 -15.15 12.92 -4.66
C VAL A 435 -16.16 12.79 -3.51
N PHE A 436 -15.68 12.37 -2.35
CA PHE A 436 -16.52 12.20 -1.16
C PHE A 436 -17.14 13.51 -0.66
N ASP A 437 -16.39 14.61 -0.68
CA ASP A 437 -16.92 15.90 -0.23
C ASP A 437 -17.76 16.64 -1.28
N GLY A 438 -17.73 16.15 -2.52
CA GLY A 438 -18.63 16.64 -3.55
C GLY A 438 -18.11 17.78 -4.41
N SER A 439 -16.81 18.06 -4.33
CA SER A 439 -16.18 19.04 -5.23
C SER A 439 -15.84 18.41 -6.60
N ILE A 440 -15.77 17.09 -6.64
CA ILE A 440 -15.65 16.33 -7.89
C ILE A 440 -16.91 15.48 -8.06
N THR A 441 -17.66 15.73 -9.13
CA THR A 441 -18.90 14.99 -9.42
C THR A 441 -18.66 13.95 -10.51
N LYS A 442 -19.68 13.16 -10.83
CA LYS A 442 -19.50 12.01 -11.75
C LYS A 442 -19.26 12.44 -13.21
N GLU A 443 -19.56 13.69 -13.52
CA GLU A 443 -19.21 14.28 -14.81
C GLU A 443 -17.74 14.71 -14.86
N ASN A 444 -17.14 14.87 -13.69
CA ASN A 444 -15.76 15.34 -13.54
C ASN A 444 -14.75 14.25 -13.19
N TYR A 445 -15.22 13.03 -12.92
CA TYR A 445 -14.39 11.95 -12.36
C TYR A 445 -13.02 11.83 -13.02
N ASN A 446 -13.03 11.65 -14.34
CA ASN A 446 -11.82 11.34 -15.09
C ASN A 446 -10.95 12.55 -15.40
N GLN A 447 -11.58 13.69 -15.69
CA GLN A 447 -10.86 14.93 -15.96
C GLN A 447 -10.05 15.35 -14.74
N GLU A 448 -10.70 15.34 -13.58
CA GLU A 448 -10.05 15.74 -12.32
C GLU A 448 -8.96 14.77 -11.89
N TRP A 449 -9.16 13.49 -12.19
CA TRP A 449 -8.11 12.49 -11.98
C TRP A 449 -6.85 12.90 -12.74
N TRP A 450 -7.01 13.24 -14.01
CA TRP A 450 -5.89 13.63 -14.85
C TRP A 450 -5.34 15.05 -14.59
N SER A 451 -6.15 15.89 -13.95
CA SER A 451 -5.67 17.17 -13.44
C SER A 451 -4.62 16.94 -12.35
N LEU A 452 -4.93 16.03 -11.44
CA LEU A 452 -4.05 15.73 -10.30
C LEU A 452 -2.86 14.85 -10.71
N ARG A 453 -3.04 14.04 -11.74
CA ARG A 453 -1.94 13.26 -12.31
C ARG A 453 -0.89 14.20 -12.89
N LEU A 454 -1.36 15.26 -13.54
CA LEU A 454 -0.49 16.29 -14.10
C LEU A 454 0.15 17.14 -13.01
N LYS A 455 -0.67 17.64 -12.09
CA LYS A 455 -0.23 18.57 -11.05
C LYS A 455 0.80 17.93 -10.09
N TYR A 456 0.52 16.70 -9.64
CA TYR A 456 1.41 16.06 -8.66
C TYR A 456 2.54 15.23 -9.27
N GLN A 457 2.21 14.42 -10.29
CA GLN A 457 3.16 13.47 -10.86
C GLN A 457 3.86 13.97 -12.12
N GLY A 458 3.27 14.94 -12.79
CA GLY A 458 3.79 15.40 -14.07
C GLY A 458 3.57 14.36 -15.16
N LEU A 459 2.42 13.71 -15.12
CA LEU A 459 2.05 12.73 -16.13
C LEU A 459 0.88 13.22 -16.95
N CYS A 460 0.89 12.84 -18.23
CA CYS A 460 -0.24 13.03 -19.12
C CYS A 460 -0.66 11.67 -19.64
N PRO A 461 -1.93 11.53 -20.05
CA PRO A 461 -2.33 10.28 -20.72
C PRO A 461 -1.69 10.18 -22.11
N PRO A 462 -1.30 8.95 -22.53
CA PRO A 462 -0.73 8.75 -23.86
C PRO A 462 -1.78 8.94 -24.96
N VAL A 463 -3.02 8.57 -24.66
CA VAL A 463 -4.15 8.71 -25.56
C VAL A 463 -5.18 9.59 -24.85
N PRO A 464 -5.78 10.57 -25.57
CA PRO A 464 -6.84 11.38 -24.99
C PRO A 464 -7.98 10.54 -24.42
N ARG A 465 -8.51 10.96 -23.28
CA ARG A 465 -9.58 10.22 -22.62
C ARG A 465 -10.94 10.73 -23.09
N THR A 466 -11.92 9.82 -23.11
CA THR A 466 -13.27 10.15 -23.57
C THR A 466 -14.28 10.00 -22.43
N GLN A 467 -15.48 10.56 -22.62
CA GLN A 467 -16.60 10.33 -21.69
C GLN A 467 -16.86 8.82 -21.61
N GLY A 468 -17.03 8.31 -20.40
CA GLY A 468 -17.20 6.87 -20.19
C GLY A 468 -15.98 6.21 -19.61
N ASP A 469 -14.82 6.87 -19.73
CA ASP A 469 -13.59 6.38 -19.13
C ASP A 469 -13.55 6.67 -17.64
N PHE A 470 -13.17 5.67 -16.87
CA PHE A 470 -13.05 5.80 -15.43
C PHE A 470 -11.74 5.13 -15.00
N ASP A 471 -10.65 5.84 -15.25
CA ASP A 471 -9.31 5.31 -15.04
C ASP A 471 -8.96 5.05 -13.57
N PRO A 472 -9.53 5.83 -12.62
CA PRO A 472 -9.29 5.49 -11.22
C PRO A 472 -9.73 4.06 -10.89
N GLY A 473 -10.76 3.58 -11.59
CA GLY A 473 -11.29 2.23 -11.40
C GLY A 473 -10.41 1.09 -11.91
N ALA A 474 -9.28 1.45 -12.52
CA ALA A 474 -8.31 0.46 -12.98
C ALA A 474 -7.23 0.23 -11.93
N LYS A 475 -7.34 0.95 -10.81
CA LYS A 475 -6.45 0.77 -9.68
C LYS A 475 -7.22 0.02 -8.60
N PHE A 476 -6.68 -1.13 -8.19
CA PHE A 476 -7.33 -2.05 -7.26
C PHE A 476 -8.03 -1.39 -6.07
N HIS A 477 -7.33 -0.45 -5.44
CA HIS A 477 -7.78 0.13 -4.17
C HIS A 477 -9.06 0.95 -4.30
N ILE A 478 -9.35 1.40 -5.52
CA ILE A 478 -10.56 2.19 -5.79
C ILE A 478 -11.86 1.35 -5.76
N PRO A 479 -12.00 0.35 -6.65
CA PRO A 479 -13.22 -0.48 -6.55
C PRO A 479 -13.29 -1.35 -5.30
N SER A 480 -12.15 -1.63 -4.67
CA SER A 480 -12.13 -2.40 -3.42
C SER A 480 -12.33 -1.54 -2.19
N SER A 481 -12.33 -0.21 -2.39
CA SER A 481 -12.56 0.75 -1.32
C SER A 481 -11.57 0.56 -0.17
N VAL A 482 -10.28 0.53 -0.51
CA VAL A 482 -9.21 0.52 0.49
C VAL A 482 -8.53 1.89 0.50
N PRO A 483 -8.55 2.60 1.65
CA PRO A 483 -7.90 3.91 1.74
C PRO A 483 -6.42 3.86 1.33
N TYR A 484 -5.93 4.91 0.67
CA TYR A 484 -4.59 4.88 0.08
C TYR A 484 -3.55 5.78 0.74
N ILE A 485 -3.99 6.75 1.54
CA ILE A 485 -3.07 7.69 2.18
C ILE A 485 -2.14 7.00 3.18
N ARG A 486 -2.53 5.82 3.65
CA ARG A 486 -1.71 4.99 4.52
C ARG A 486 -0.33 4.72 3.93
N TYR A 487 -0.28 4.55 2.61
CA TYR A 487 0.98 4.26 1.91
C TYR A 487 1.86 5.50 1.79
N PHE A 488 1.24 6.67 1.70
CA PHE A 488 1.99 7.92 1.69
C PHE A 488 2.66 8.14 3.03
N VAL A 489 1.90 7.93 4.10
CA VAL A 489 2.41 8.03 5.46
C VAL A 489 3.48 6.96 5.67
N SER A 490 3.22 5.76 5.16
CA SER A 490 4.14 4.63 5.25
C SER A 490 5.52 4.97 4.70
N PHE A 491 5.56 5.48 3.48
CA PHE A 491 6.82 5.77 2.80
C PHE A 491 7.64 6.87 3.49
N ILE A 492 6.97 7.82 4.12
CA ILE A 492 7.65 8.89 4.88
C ILE A 492 8.28 8.35 6.17
N ILE A 493 7.47 7.68 6.99
CA ILE A 493 7.86 7.26 8.33
C ILE A 493 8.82 6.07 8.36
N GLN A 494 8.86 5.31 7.27
CA GLN A 494 9.75 4.15 7.19
C GLN A 494 11.22 4.56 7.08
N PHE A 495 11.47 5.75 6.53
CA PHE A 495 12.81 6.33 6.48
C PHE A 495 13.19 6.99 7.81
N GLN A 496 12.18 7.43 8.55
CA GLN A 496 12.36 7.88 9.92
C GLN A 496 12.74 6.72 10.83
N PHE A 497 12.05 5.59 10.69
CA PHE A 497 12.35 4.39 11.47
C PHE A 497 13.76 3.89 11.14
N HIS A 498 14.03 3.76 9.84
CA HIS A 498 15.35 3.36 9.33
C HIS A 498 16.47 4.17 9.98
N GLU A 499 16.36 5.50 9.93
CA GLU A 499 17.37 6.41 10.47
C GLU A 499 17.60 6.17 11.96
N ALA A 500 16.51 5.89 12.67
CA ALA A 500 16.57 5.69 14.12
C ALA A 500 17.15 4.33 14.50
N LEU A 501 16.81 3.31 13.72
CA LEU A 501 17.29 1.94 13.97
C LEU A 501 18.76 1.78 13.62
N CYS A 502 19.22 2.55 12.64
CA CYS A 502 20.62 2.50 12.22
C CYS A 502 21.56 3.14 13.25
N GLN A 503 21.13 4.25 13.85
CA GLN A 503 21.92 4.87 14.93
C GLN A 503 21.78 4.09 16.24
N ALA A 504 20.72 3.30 16.35
CA ALA A 504 20.58 2.35 17.46
C ALA A 504 21.59 1.23 17.31
N ALA A 505 21.82 0.80 16.07
CA ALA A 505 22.79 -0.23 15.75
C ALA A 505 24.23 0.32 15.71
N GLY A 506 24.36 1.63 15.91
CA GLY A 506 25.66 2.29 15.95
C GLY A 506 26.30 2.48 14.59
N HIS A 507 25.47 2.51 13.55
CA HIS A 507 25.95 2.72 12.20
C HIS A 507 26.24 4.20 11.94
N THR A 508 27.39 4.45 11.33
CA THR A 508 27.81 5.79 10.97
C THR A 508 27.99 5.86 9.46
N GLY A 509 28.22 7.06 8.94
CA GLY A 509 28.34 7.26 7.51
C GLY A 509 26.97 7.39 6.86
N PRO A 510 26.93 7.35 5.51
CA PRO A 510 25.70 7.59 4.76
C PRO A 510 24.61 6.61 5.15
N LEU A 511 23.42 7.15 5.44
CA LEU A 511 22.28 6.36 5.91
C LEU A 511 21.84 5.26 4.93
N HIS A 512 22.02 5.52 3.64
CA HIS A 512 21.60 4.59 2.59
C HIS A 512 22.43 3.31 2.53
N LYS A 513 23.60 3.32 3.17
CA LYS A 513 24.46 2.14 3.20
C LYS A 513 24.13 1.21 4.37
N CYS A 514 23.35 1.71 5.32
CA CYS A 514 23.02 0.97 6.54
C CYS A 514 22.23 -0.31 6.30
N ASP A 515 22.67 -1.37 6.95
CA ASP A 515 22.04 -2.68 6.89
C ASP A 515 21.94 -3.19 8.32
N ILE A 516 20.74 -3.16 8.89
CA ILE A 516 20.54 -3.52 10.29
C ILE A 516 20.30 -5.02 10.53
N TYR A 517 20.76 -5.87 9.61
CA TYR A 517 20.61 -7.31 9.77
C TYR A 517 21.28 -7.83 11.05
N GLN A 518 20.55 -8.65 11.80
CA GLN A 518 21.01 -9.27 13.05
C GLN A 518 21.26 -8.27 14.19
N SER A 519 20.68 -7.08 14.08
CA SER A 519 20.83 -6.05 15.10
C SER A 519 19.78 -6.19 16.19
N LYS A 520 20.22 -6.62 17.37
CA LYS A 520 19.33 -6.87 18.51
C LYS A 520 18.72 -5.59 19.07
N GLU A 521 19.56 -4.57 19.21
CA GLU A 521 19.12 -3.25 19.67
C GLU A 521 18.00 -2.71 18.79
N ALA A 522 18.15 -2.88 17.48
CA ALA A 522 17.16 -2.43 16.50
C ALA A 522 15.85 -3.22 16.62
N GLY A 523 15.97 -4.52 16.87
CA GLY A 523 14.80 -5.37 17.12
C GLY A 523 14.01 -4.93 18.34
N GLN A 524 14.73 -4.55 19.39
CA GLN A 524 14.12 -4.07 20.64
C GLN A 524 13.25 -2.82 20.42
N ARG A 525 13.77 -1.87 19.65
CA ARG A 525 13.07 -0.62 19.35
C ARG A 525 11.69 -0.87 18.73
N LEU A 526 11.67 -1.66 17.66
CA LEU A 526 10.44 -1.97 16.96
C LEU A 526 9.49 -2.79 17.81
N ALA A 527 10.03 -3.71 18.60
CA ALA A 527 9.26 -4.60 19.45
C ALA A 527 8.36 -3.84 20.44
N THR A 528 8.94 -2.91 21.19
CA THR A 528 8.19 -2.11 22.16
C THR A 528 7.18 -1.20 21.47
N ALA A 529 7.52 -0.72 20.27
CA ALA A 529 6.62 0.12 19.49
C ALA A 529 5.41 -0.64 18.98
N MET A 530 5.64 -1.86 18.49
CA MET A 530 4.57 -2.69 17.93
C MET A 530 3.66 -3.30 19.01
N LYS A 531 4.19 -3.44 20.23
CA LYS A 531 3.45 -3.99 21.37
C LYS A 531 2.28 -3.10 21.80
N LEU A 532 2.42 -1.79 21.56
CA LEU A 532 1.38 -0.81 21.87
C LEU A 532 0.12 -1.03 21.04
N GLY A 533 0.29 -1.47 19.80
CA GLY A 533 -0.83 -1.63 18.87
C GLY A 533 -1.54 -0.31 18.66
N PHE A 534 -2.84 -0.30 18.96
CA PHE A 534 -3.67 0.90 18.81
C PHE A 534 -4.03 1.50 20.18
N SER A 535 -3.42 0.97 21.25
CA SER A 535 -3.77 1.35 22.62
C SER A 535 -3.45 2.81 22.97
N ARG A 536 -2.45 3.37 22.29
CA ARG A 536 -2.02 4.74 22.54
C ARG A 536 -2.01 5.52 21.23
N PRO A 537 -2.22 6.85 21.31
CA PRO A 537 -2.06 7.69 20.12
C PRO A 537 -0.69 7.45 19.48
N TRP A 538 -0.65 7.54 18.15
CA TRP A 538 0.56 7.20 17.38
C TRP A 538 1.81 8.05 17.65
N PRO A 539 1.66 9.31 18.10
CA PRO A 539 2.87 10.07 18.43
C PRO A 539 3.74 9.42 19.50
N GLU A 540 3.13 8.61 20.38
CA GLU A 540 3.86 7.89 21.42
C GLU A 540 4.74 6.80 20.82
N ALA A 541 4.16 5.97 19.94
CA ALA A 541 4.91 4.93 19.24
C ALA A 541 5.95 5.52 18.30
N MET A 542 5.63 6.67 17.72
CA MET A 542 6.57 7.42 16.88
C MET A 542 7.76 7.91 17.73
N GLN A 543 7.48 8.35 18.95
CA GLN A 543 8.51 8.81 19.87
C GLN A 543 9.38 7.67 20.38
N LEU A 544 8.77 6.52 20.67
CA LEU A 544 9.52 5.35 21.14
C LEU A 544 10.60 4.91 20.13
N ILE A 545 10.27 4.97 18.84
CA ILE A 545 11.20 4.57 17.79
C ILE A 545 12.20 5.67 17.45
N THR A 546 11.73 6.89 17.24
CA THR A 546 12.55 7.97 16.67
C THR A 546 13.10 8.99 17.68
N GLY A 547 12.51 9.01 18.87
CA GLY A 547 12.85 10.04 19.86
C GLY A 547 11.99 11.28 19.71
N GLN A 548 11.42 11.45 18.52
CA GLN A 548 10.55 12.60 18.24
C GLN A 548 9.12 12.12 17.93
N PRO A 549 8.13 12.99 18.16
CA PRO A 549 6.73 12.59 17.94
C PRO A 549 6.15 12.93 16.55
N ASN A 550 6.93 13.58 15.70
CA ASN A 550 6.45 14.08 14.41
C ASN A 550 6.78 13.20 13.22
N MET A 551 5.94 13.25 12.20
CA MET A 551 6.30 12.77 10.86
C MET A 551 7.25 13.80 10.26
N SER A 552 8.34 13.34 9.68
CA SER A 552 9.33 14.24 9.12
C SER A 552 9.92 13.69 7.81
N ALA A 553 10.10 14.58 6.85
CA ALA A 553 10.69 14.23 5.56
C ALA A 553 12.22 14.18 5.60
N SER A 554 12.78 14.74 6.68
CA SER A 554 14.24 14.90 6.83
C SER A 554 15.04 13.63 6.60
N ALA A 555 14.55 12.52 7.16
CA ALA A 555 15.21 11.23 7.06
C ALA A 555 15.26 10.69 5.63
N MET A 556 14.17 10.86 4.88
CA MET A 556 14.11 10.46 3.49
C MET A 556 15.03 11.35 2.67
N LEU A 557 15.04 12.64 2.99
CA LEU A 557 15.90 13.62 2.33
C LEU A 557 17.36 13.35 2.61
N SER A 558 17.63 12.89 3.83
CA SER A 558 18.97 12.56 4.28
C SER A 558 19.46 11.31 3.56
N TYR A 559 18.57 10.32 3.45
CA TYR A 559 18.86 9.08 2.75
C TYR A 559 19.30 9.32 1.29
N PHE A 560 18.53 10.13 0.57
CA PHE A 560 18.78 10.37 -0.85
C PHE A 560 19.69 11.57 -1.16
N LYS A 561 20.20 12.22 -0.12
CA LYS A 561 21.06 13.39 -0.28
C LYS A 561 22.15 13.24 -1.38
N PRO A 562 22.94 12.15 -1.34
CA PRO A 562 23.96 11.97 -2.38
C PRO A 562 23.38 11.92 -3.80
N LEU A 563 22.20 11.31 -3.96
CA LEU A 563 21.54 11.23 -5.25
C LEU A 563 20.97 12.57 -5.69
N LEU A 564 20.40 13.31 -4.74
CA LEU A 564 19.87 14.65 -5.00
C LEU A 564 20.97 15.60 -5.47
N ASP A 565 22.10 15.59 -4.77
CA ASP A 565 23.26 16.36 -5.18
C ASP A 565 23.70 16.00 -6.59
N TRP A 566 23.70 14.70 -6.90
CA TRP A 566 24.13 14.19 -8.20
C TRP A 566 23.17 14.57 -9.33
N LEU A 567 21.87 14.46 -9.05
CA LEU A 567 20.83 14.81 -10.02
C LEU A 567 20.79 16.31 -10.31
N ARG A 568 20.88 17.12 -9.25
CA ARG A 568 20.98 18.58 -9.40
C ARG A 568 22.10 18.93 -10.38
N THR A 569 23.29 18.37 -10.13
CA THR A 569 24.46 18.59 -10.97
C THR A 569 24.20 18.15 -12.41
N GLU A 570 23.70 16.94 -12.58
CA GLU A 570 23.47 16.36 -13.89
C GLU A 570 22.39 17.08 -14.70
N ASN A 571 21.29 17.45 -14.04
CA ASN A 571 20.20 18.18 -14.69
C ASN A 571 20.61 19.60 -15.13
N GLU A 572 21.38 20.27 -14.28
CA GLU A 572 21.89 21.60 -14.58
C GLU A 572 22.74 21.60 -15.85
N LEU A 573 23.62 20.62 -15.98
CA LEU A 573 24.57 20.59 -17.10
C LEU A 573 23.93 20.19 -18.42
N HIS A 574 22.87 19.38 -18.36
CA HIS A 574 22.17 18.96 -19.58
C HIS A 574 21.09 19.97 -20.02
N GLY A 575 20.87 21.00 -19.21
CA GLY A 575 19.94 22.07 -19.55
C GLY A 575 18.48 21.71 -19.40
N GLU A 576 18.19 20.81 -18.45
CA GLU A 576 16.81 20.43 -18.16
C GLU A 576 16.09 21.57 -17.46
N LYS A 577 14.83 21.76 -17.82
CA LYS A 577 13.94 22.60 -17.03
C LYS A 577 13.24 21.66 -16.04
N LEU A 578 13.37 21.95 -14.75
CA LEU A 578 12.69 21.16 -13.73
C LEU A 578 11.19 21.40 -13.78
N GLY A 579 10.43 20.33 -13.64
CA GLY A 579 8.98 20.42 -13.71
C GLY A 579 8.45 20.33 -15.13
N TRP A 580 7.18 20.72 -15.28
CA TRP A 580 6.49 20.62 -16.55
C TRP A 580 5.81 21.96 -16.85
N PRO A 581 6.60 22.95 -17.22
CA PRO A 581 6.09 24.31 -17.47
C PRO A 581 5.08 24.31 -18.61
N GLN A 582 5.36 23.58 -19.67
CA GLN A 582 4.42 23.43 -20.78
C GLN A 582 3.43 22.30 -20.46
N TYR A 583 2.60 22.54 -19.45
CA TYR A 583 1.77 21.50 -18.83
C TYR A 583 0.56 21.02 -19.64
N ASN A 584 0.22 21.75 -20.71
CA ASN A 584 -0.90 21.38 -21.56
C ASN A 584 -0.55 20.42 -22.69
N TRP A 585 0.72 20.02 -22.76
CA TRP A 585 1.21 19.12 -23.81
C TRP A 585 0.76 17.68 -23.60
N THR A 586 0.34 17.06 -24.69
CA THR A 586 0.04 15.64 -24.74
C THR A 586 0.66 15.08 -26.02
N PRO A 587 0.82 13.73 -26.12
CA PRO A 587 1.38 13.10 -27.32
C PRO A 587 0.62 13.42 -28.62
N ASN A 588 1.30 13.25 -29.75
CA ASN A 588 0.71 13.48 -31.07
C ASN A 588 0.24 12.19 -31.73
N GLY B 2 -15.81 -0.08 13.86
CA GLY B 2 -16.14 -1.29 14.61
C GLY B 2 -16.02 -2.62 13.90
N LEU B 3 -15.83 -2.58 12.58
CA LEU B 3 -15.67 -3.80 11.78
C LEU B 3 -14.28 -4.39 11.97
N PRO B 4 -14.13 -5.71 11.76
CA PRO B 4 -12.79 -6.31 11.79
C PRO B 4 -11.91 -5.75 10.68
N PRO B 5 -10.68 -5.32 11.03
CA PRO B 5 -9.72 -4.82 10.03
C PRO B 5 -9.41 -5.85 8.95
N ARG B 6 -9.75 -5.52 7.71
CA ARG B 6 -9.51 -6.39 6.55
C ARG B 6 -8.04 -6.78 6.42
N PRO B 7 -7.78 -7.94 5.77
CA PRO B 7 -6.40 -8.35 5.50
C PRO B 7 -5.60 -7.25 4.80
N LYS B 8 -4.35 -7.07 5.22
CA LYS B 8 -3.50 -6.00 4.72
C LYS B 8 -2.93 -6.32 3.35
N ILE B 9 -3.01 -5.33 2.46
CA ILE B 9 -2.58 -5.49 1.07
C ILE B 9 -1.52 -4.45 0.67
N PRO B 10 -0.63 -4.80 -0.28
CA PRO B 10 0.37 -3.86 -0.79
C PRO B 10 -0.24 -2.66 -1.50
N PRO B 11 0.55 -1.58 -1.69
CA PRO B 11 0.12 -0.44 -2.49
C PRO B 11 -0.04 -0.76 -3.98
#